data_1QRV
#
_entry.id   1QRV
#
_cell.length_a   43.740
_cell.length_b   53.797
_cell.length_c   86.843
_cell.angle_alpha   90.00
_cell.angle_beta   90.00
_cell.angle_gamma   90.00
#
_symmetry.space_group_name_H-M   'P 21 21 21'
#
loop_
_entity.id
_entity.type
_entity.pdbx_description
1 polymer "DNA (5'-D(*GP*CP*GP*AP*TP*AP*TP*CP*GP*C)-3')"
2 polymer 'HIGH MOBILITY GROUP PROTEIN D'
3 non-polymer 'SODIUM ION'
4 water water
#
loop_
_entity_poly.entity_id
_entity_poly.type
_entity_poly.pdbx_seq_one_letter_code
_entity_poly.pdbx_strand_id
1 'polydeoxyribonucleotide' (DG)(DC)(DG)(DA)(DT)(DA)(DT)(DC)(DG)(DC) C,D
2 'polypeptide(L)' SDKPKRPLSAYMLWLNSARESIKRENPGIKVTEVAKRGGELWRAMKDKSEWEAKAAKAKDDYDRAVKEFEANG A,B
#
# COMPACT_ATOMS: atom_id res chain seq x y z
N SER C 1 9.54 -14.74 6.57
CA SER C 1 8.61 -14.76 5.41
C SER C 1 7.93 -16.13 5.25
N ASP C 2 7.58 -16.78 6.36
CA ASP C 2 6.95 -18.09 6.29
C ASP C 2 5.72 -18.35 7.21
N LYS C 3 5.58 -17.58 8.28
CA LYS C 3 4.44 -17.77 9.18
C LYS C 3 3.12 -17.48 8.43
N PRO C 4 1.99 -17.98 8.97
CA PRO C 4 0.69 -17.75 8.31
C PRO C 4 0.41 -16.26 8.04
N LYS C 5 -0.20 -15.97 6.90
CA LYS C 5 -0.53 -14.58 6.58
C LYS C 5 -1.71 -14.23 7.47
N ARG C 6 -1.73 -13.00 7.99
CA ARG C 6 -2.83 -12.60 8.84
C ARG C 6 -4.16 -12.72 8.06
N PRO C 7 -5.24 -13.18 8.73
CA PRO C 7 -6.54 -13.34 8.09
C PRO C 7 -7.13 -11.97 7.70
N LEU C 8 -7.92 -11.95 6.64
CA LEU C 8 -8.53 -10.71 6.16
C LEU C 8 -9.81 -10.32 6.87
N SER C 9 -9.97 -9.03 7.11
CA SER C 9 -11.17 -8.52 7.76
C SER C 9 -12.38 -8.72 6.85
N ALA C 10 -13.55 -8.45 7.38
CA ALA C 10 -14.79 -8.59 6.61
C ALA C 10 -14.78 -7.64 5.42
N TYR C 11 -14.29 -6.43 5.67
CA TYR C 11 -14.21 -5.42 4.64
C TYR C 11 -13.25 -5.79 3.50
N MET C 12 -12.08 -6.30 3.85
CA MET C 12 -11.10 -6.68 2.84
C MET C 12 -11.57 -7.89 2.04
N LEU C 13 -12.26 -8.82 2.68
CA LEU C 13 -12.77 -9.97 1.94
C LEU C 13 -13.81 -9.45 0.95
N TRP C 14 -14.68 -8.56 1.42
CA TRP C 14 -15.67 -8.04 0.51
C TRP C 14 -15.05 -7.25 -0.66
N LEU C 15 -14.07 -6.40 -0.37
CA LEU C 15 -13.46 -5.58 -1.39
C LEU C 15 -12.74 -6.43 -2.42
N ASN C 16 -11.94 -7.38 -1.94
CA ASN C 16 -11.23 -8.24 -2.86
C ASN C 16 -12.23 -8.90 -3.80
N SER C 17 -13.37 -9.33 -3.28
CA SER C 17 -14.36 -10.00 -4.12
C SER C 17 -15.12 -9.07 -5.04
N ALA C 18 -15.21 -7.81 -4.63
CA ALA C 18 -15.97 -6.83 -5.41
C ALA C 18 -15.15 -5.92 -6.33
N ARG C 19 -13.84 -5.85 -6.11
CA ARG C 19 -12.91 -5.04 -6.88
C ARG C 19 -13.14 -5.06 -8.40
N GLU C 20 -13.01 -6.25 -9.00
CA GLU C 20 -13.20 -6.38 -10.45
C GLU C 20 -14.58 -5.92 -10.90
N SER C 21 -15.57 -6.07 -10.02
CA SER C 21 -16.92 -5.64 -10.37
C SER C 21 -16.96 -4.11 -10.43
N ILE C 22 -16.47 -3.49 -9.36
CA ILE C 22 -16.38 -2.03 -9.23
C ILE C 22 -15.57 -1.49 -10.41
N LYS C 23 -14.52 -2.21 -10.80
CA LYS C 23 -13.69 -1.74 -11.91
C LYS C 23 -14.39 -1.76 -13.27
N ARG C 24 -15.23 -2.76 -13.52
CA ARG C 24 -15.91 -2.78 -14.81
C ARG C 24 -17.11 -1.85 -14.81
N GLU C 25 -17.58 -1.48 -13.62
CA GLU C 25 -18.71 -0.54 -13.49
C GLU C 25 -18.23 0.92 -13.61
N ASN C 26 -16.91 1.10 -13.62
CA ASN C 26 -16.29 2.44 -13.72
C ASN C 26 -15.04 2.21 -14.53
N PRO C 27 -15.16 2.11 -15.87
CA PRO C 27 -13.96 1.87 -16.68
C PRO C 27 -12.84 2.83 -16.30
N GLY C 28 -11.62 2.31 -16.24
CA GLY C 28 -10.48 3.15 -15.91
C GLY C 28 -10.31 3.60 -14.47
N ILE C 29 -11.25 3.26 -13.59
CA ILE C 29 -11.15 3.68 -12.19
C ILE C 29 -9.78 3.29 -11.61
N LYS C 30 -9.11 4.23 -10.94
CA LYS C 30 -7.80 3.97 -10.34
C LYS C 30 -7.95 3.27 -8.99
N VAL C 31 -6.89 2.63 -8.51
CA VAL C 31 -6.97 1.89 -7.25
C VAL C 31 -7.40 2.75 -6.07
N THR C 32 -6.96 4.01 -6.05
CA THR C 32 -7.32 4.87 -4.95
C THR C 32 -8.81 5.21 -5.03
N GLU C 33 -9.35 5.19 -6.25
CA GLU C 33 -10.77 5.45 -6.43
C GLU C 33 -11.57 4.17 -6.17
N VAL C 34 -10.95 3.01 -6.37
CA VAL C 34 -11.63 1.74 -6.09
C VAL C 34 -11.76 1.69 -4.57
N ALA C 35 -10.72 2.12 -3.86
CA ALA C 35 -10.72 2.13 -2.41
C ALA C 35 -11.77 3.14 -1.92
N LYS C 36 -11.74 4.33 -2.49
CA LYS C 36 -12.70 5.35 -2.10
C LYS C 36 -14.11 4.77 -2.27
N ARG C 37 -14.34 4.17 -3.44
CA ARG C 37 -15.63 3.57 -3.77
C ARG C 37 -15.94 2.41 -2.84
N GLY C 38 -14.91 1.65 -2.44
CA GLY C 38 -15.13 0.55 -1.53
C GLY C 38 -15.67 1.04 -0.19
N GLY C 39 -15.09 2.13 0.31
CA GLY C 39 -15.54 2.69 1.57
C GLY C 39 -17.00 3.08 1.47
N GLU C 40 -17.40 3.62 0.32
CA GLU C 40 -18.77 4.04 0.11
C GLU C 40 -19.74 2.87 0.19
N LEU C 41 -19.46 1.82 -0.58
CA LEU C 41 -20.33 0.66 -0.57
C LEU C 41 -20.36 0.04 0.82
N TRP C 42 -19.19 -0.14 1.42
CA TRP C 42 -19.12 -0.71 2.75
C TRP C 42 -19.89 0.12 3.83
N ARG C 43 -19.73 1.44 3.87
CA ARG C 43 -20.45 2.23 4.87
C ARG C 43 -21.98 2.13 4.71
N ALA C 44 -22.41 1.90 3.48
CA ALA C 44 -23.84 1.78 3.14
C ALA C 44 -24.47 0.36 3.15
N MET C 45 -23.64 -0.67 3.12
CA MET C 45 -24.13 -2.02 3.06
C MET C 45 -25.14 -2.39 4.15
N LYS C 46 -26.30 -2.86 3.73
CA LYS C 46 -27.37 -3.25 4.64
C LYS C 46 -26.96 -4.39 5.58
N ASP C 47 -26.42 -5.45 5.01
CA ASP C 47 -26.06 -6.57 5.83
C ASP C 47 -24.64 -7.08 5.62
N LYS C 48 -23.82 -6.91 6.65
CA LYS C 48 -22.44 -7.36 6.57
C LYS C 48 -22.25 -8.77 7.13
N SER C 49 -23.28 -9.30 7.79
CA SER C 49 -23.19 -10.60 8.43
C SER C 49 -22.58 -11.74 7.63
N GLU C 50 -22.84 -11.80 6.33
CA GLU C 50 -22.25 -12.89 5.57
C GLU C 50 -20.75 -12.66 5.48
N TRP C 51 -20.36 -11.41 5.29
CA TRP C 51 -18.96 -11.05 5.19
C TRP C 51 -18.26 -11.24 6.53
N GLU C 52 -18.98 -10.99 7.62
CA GLU C 52 -18.40 -11.18 8.95
C GLU C 52 -18.15 -12.66 9.26
N ALA C 53 -19.05 -13.53 8.82
CA ALA C 53 -18.90 -14.97 9.04
C ALA C 53 -17.66 -15.43 8.29
N LYS C 54 -17.48 -14.93 7.07
CA LYS C 54 -16.32 -15.32 6.29
C LYS C 54 -15.05 -14.85 6.96
N ALA C 55 -15.12 -13.67 7.58
CA ALA C 55 -13.97 -13.10 8.27
C ALA C 55 -13.67 -13.95 9.50
N ALA C 56 -14.73 -14.33 10.22
CA ALA C 56 -14.59 -15.17 11.42
C ALA C 56 -14.02 -16.53 11.03
N LYS C 57 -14.47 -17.08 9.90
CA LYS C 57 -13.92 -18.36 9.47
C LYS C 57 -12.47 -18.23 9.05
N ALA C 58 -12.11 -17.11 8.44
CA ALA C 58 -10.73 -16.90 8.01
C ALA C 58 -9.85 -16.83 9.26
N LYS C 59 -10.37 -16.19 10.30
CA LYS C 59 -9.64 -16.06 11.55
C LYS C 59 -9.38 -17.46 12.14
N ASP C 60 -10.40 -18.31 12.14
CA ASP C 60 -10.28 -19.67 12.64
C ASP C 60 -9.24 -20.47 11.92
N ASP C 61 -9.26 -20.42 10.59
CA ASP C 61 -8.27 -21.16 9.81
C ASP C 61 -6.91 -20.61 10.18
N TYR C 62 -6.84 -19.30 10.37
CA TYR C 62 -5.58 -18.67 10.71
C TYR C 62 -5.05 -19.09 12.08
N ASP C 63 -5.92 -19.03 13.10
CA ASP C 63 -5.52 -19.41 14.45
C ASP C 63 -5.07 -20.86 14.39
N ARG C 64 -5.81 -21.69 13.66
CA ARG C 64 -5.45 -23.09 13.49
C ARG C 64 -4.07 -23.21 12.82
N ALA C 65 -3.89 -22.43 11.75
CA ALA C 65 -2.65 -22.45 11.00
C ALA C 65 -1.49 -22.06 11.89
N VAL C 66 -1.76 -21.17 12.84
CA VAL C 66 -0.71 -20.70 13.74
C VAL C 66 -0.33 -21.75 14.77
N LYS C 67 -1.30 -22.55 15.21
CA LYS C 67 -1.04 -23.60 16.18
C LYS C 67 -0.16 -24.67 15.52
N GLU C 68 -0.47 -25.02 14.28
CA GLU C 68 0.35 -25.99 13.55
C GLU C 68 1.79 -25.51 13.46
N PHE C 69 1.95 -24.24 13.06
CA PHE C 69 3.25 -23.58 12.88
C PHE C 69 4.07 -23.49 14.18
N GLU C 70 3.37 -23.44 15.30
CA GLU C 70 4.04 -23.36 16.59
C GLU C 70 3.91 -24.68 17.32
N ALA C 71 3.40 -25.68 16.62
CA ALA C 71 3.18 -27.01 17.19
C ALA C 71 4.45 -27.72 17.66
N ASN C 72 5.58 -27.49 16.99
CA ASN C 72 6.85 -28.10 17.40
C ASN C 72 7.58 -27.14 18.32
N GLY C 73 6.96 -25.98 18.56
CA GLY C 73 7.55 -24.96 19.40
C GLY C 73 8.68 -24.28 18.64
N ASP D 2 8.78 -13.13 1.60
CA ASP D 2 8.66 -11.78 0.94
C ASP D 2 10.00 -11.05 0.81
N LYS D 3 10.48 -10.95 -0.43
CA LYS D 3 11.74 -10.26 -0.76
C LYS D 3 11.49 -8.77 -0.49
N PRO D 4 12.45 -8.09 0.20
CA PRO D 4 12.26 -6.66 0.50
C PRO D 4 12.00 -5.80 -0.74
N LYS D 5 11.08 -4.84 -0.62
CA LYS D 5 10.81 -3.95 -1.74
C LYS D 5 12.05 -3.08 -1.83
N ARG D 6 12.36 -2.59 -3.02
CA ARG D 6 13.50 -1.70 -3.16
C ARG D 6 13.26 -0.43 -2.32
N PRO D 7 14.33 0.21 -1.88
CA PRO D 7 14.20 1.41 -1.05
C PRO D 7 13.71 2.65 -1.80
N LEU D 8 13.10 3.58 -1.07
CA LEU D 8 12.62 4.80 -1.68
C LEU D 8 13.80 5.62 -2.11
N SER D 9 13.77 6.10 -3.36
CA SER D 9 14.82 6.95 -3.87
C SER D 9 14.73 8.33 -3.17
N ALA D 10 15.81 9.08 -3.27
CA ALA D 10 15.87 10.43 -2.71
C ALA D 10 14.82 11.28 -3.45
N TYR D 11 14.67 11.01 -4.75
CA TYR D 11 13.66 11.71 -5.55
C TYR D 11 12.25 11.42 -5.00
N MET D 12 11.92 10.15 -4.86
CA MET D 12 10.60 9.75 -4.37
C MET D 12 10.34 10.15 -2.92
N LEU D 13 11.37 10.15 -2.11
CA LEU D 13 11.23 10.56 -0.73
C LEU D 13 10.76 12.01 -0.78
N TRP D 14 11.45 12.84 -1.55
CA TRP D 14 11.07 14.24 -1.65
C TRP D 14 9.66 14.39 -2.21
N LEU D 15 9.42 13.79 -3.37
CA LEU D 15 8.11 13.87 -4.02
C LEU D 15 6.95 13.56 -3.06
N ASN D 16 7.08 12.50 -2.26
CA ASN D 16 6.03 12.16 -1.30
C ASN D 16 5.77 13.40 -0.42
N SER D 17 6.86 14.00 0.04
CA SER D 17 6.75 15.16 0.91
C SER D 17 6.28 16.40 0.17
N ALA D 18 6.51 16.46 -1.15
CA ALA D 18 6.12 17.63 -1.92
C ALA D 18 4.84 17.52 -2.73
N ARG D 19 4.20 16.35 -2.72
CA ARG D 19 2.98 16.10 -3.49
C ARG D 19 1.79 17.02 -3.19
N GLU D 20 1.51 17.31 -1.92
CA GLU D 20 0.41 18.23 -1.64
C GLU D 20 0.76 19.62 -2.17
N SER D 21 1.99 20.05 -1.89
CA SER D 21 2.43 21.35 -2.35
C SER D 21 2.24 21.51 -3.85
N ILE D 22 2.71 20.53 -4.63
CA ILE D 22 2.57 20.58 -6.07
C ILE D 22 1.10 20.67 -6.45
N LYS D 23 0.26 19.94 -5.73
CA LYS D 23 -1.16 19.96 -6.04
C LYS D 23 -1.82 21.26 -5.63
N ARG D 24 -1.34 21.90 -4.59
CA ARG D 24 -1.92 23.18 -4.19
C ARG D 24 -1.63 24.20 -5.30
N GLU D 25 -0.38 24.25 -5.78
CA GLU D 25 0.06 25.16 -6.84
C GLU D 25 -0.42 24.81 -8.26
N ASN D 26 -1.02 23.65 -8.42
CA ASN D 26 -1.53 23.23 -9.72
C ASN D 26 -2.91 22.62 -9.51
N PRO D 27 -3.93 23.44 -9.23
CA PRO D 27 -5.28 22.92 -9.03
C PRO D 27 -5.77 21.98 -10.16
N GLY D 28 -6.38 20.88 -9.76
CA GLY D 28 -6.90 19.89 -10.68
C GLY D 28 -5.84 19.10 -11.43
N ILE D 29 -4.58 19.34 -11.09
CA ILE D 29 -3.48 18.65 -11.78
C ILE D 29 -3.55 17.12 -11.78
N LYS D 30 -3.23 16.52 -12.92
CA LYS D 30 -3.21 15.08 -13.11
C LYS D 30 -1.98 14.39 -12.55
N VAL D 31 -2.16 13.17 -12.05
CA VAL D 31 -1.07 12.37 -11.50
C VAL D 31 0.14 12.44 -12.43
N THR D 32 -0.12 12.32 -13.73
CA THR D 32 0.91 12.34 -14.76
C THR D 32 1.62 13.69 -14.80
N GLU D 33 0.84 14.77 -14.68
CA GLU D 33 1.37 16.14 -14.71
C GLU D 33 2.10 16.48 -13.41
N VAL D 34 1.68 15.86 -12.30
CA VAL D 34 2.33 16.08 -11.02
C VAL D 34 3.76 15.55 -11.16
N ALA D 35 3.87 14.39 -11.79
CA ALA D 35 5.15 13.75 -12.00
C ALA D 35 6.07 14.62 -12.84
N LYS D 36 5.52 15.23 -13.88
CA LYS D 36 6.31 16.09 -14.74
C LYS D 36 6.72 17.33 -13.97
N ARG D 37 5.80 17.86 -13.17
CA ARG D 37 6.06 19.04 -12.37
C ARG D 37 7.09 18.67 -11.29
N GLY D 38 6.85 17.55 -10.64
CA GLY D 38 7.75 17.08 -9.60
C GLY D 38 9.15 17.00 -10.14
N GLY D 39 9.28 16.62 -11.41
CA GLY D 39 10.59 16.55 -12.02
C GLY D 39 11.23 17.91 -12.26
N GLU D 40 10.41 18.92 -12.55
CA GLU D 40 10.91 20.27 -12.79
C GLU D 40 11.49 20.81 -11.50
N LEU D 41 10.75 20.62 -10.40
CA LEU D 41 11.18 21.06 -9.10
C LEU D 41 12.42 20.27 -8.67
N TRP D 42 12.41 18.97 -8.92
CA TRP D 42 13.56 18.18 -8.56
C TRP D 42 14.82 18.61 -9.31
N ARG D 43 14.71 18.81 -10.62
CA ARG D 43 15.90 19.20 -11.40
C ARG D 43 16.39 20.58 -11.00
N ALA D 44 15.46 21.42 -10.52
CA ALA D 44 15.78 22.77 -10.08
C ALA D 44 16.42 22.79 -8.69
N MET D 45 15.95 21.92 -7.81
CA MET D 45 16.49 21.87 -6.45
C MET D 45 17.99 21.52 -6.45
N LYS D 46 18.82 22.55 -6.21
CA LYS D 46 20.26 22.40 -6.19
C LYS D 46 20.80 21.68 -4.96
N ASP D 47 20.22 21.97 -3.80
CA ASP D 47 20.66 21.29 -2.58
C ASP D 47 19.67 20.16 -2.27
N LYS D 48 20.03 18.94 -2.65
CA LYS D 48 19.16 17.79 -2.40
C LYS D 48 19.71 16.99 -1.20
N SER D 49 20.57 17.63 -0.41
CA SER D 49 21.20 16.96 0.74
C SER D 49 20.23 16.26 1.68
N GLU D 50 19.14 16.92 2.05
CA GLU D 50 18.18 16.31 2.96
C GLU D 50 17.62 15.00 2.43
N TRP D 51 17.25 14.97 1.15
CA TRP D 51 16.68 13.78 0.56
C TRP D 51 17.71 12.71 0.26
N GLU D 52 18.92 13.14 -0.07
CA GLU D 52 20.00 12.22 -0.35
C GLU D 52 20.41 11.56 0.97
N ALA D 53 20.32 12.31 2.07
CA ALA D 53 20.69 11.81 3.40
C ALA D 53 19.67 10.75 3.78
N LYS D 54 18.39 11.05 3.58
CA LYS D 54 17.36 10.08 3.91
C LYS D 54 17.39 8.84 3.04
N ALA D 55 17.58 9.00 1.73
CA ALA D 55 17.64 7.86 0.83
C ALA D 55 18.82 6.97 1.23
N ALA D 56 19.88 7.60 1.77
CA ALA D 56 21.08 6.87 2.22
C ALA D 56 20.74 5.93 3.37
N LYS D 57 20.01 6.42 4.36
CA LYS D 57 19.61 5.56 5.48
C LYS D 57 18.60 4.51 5.00
N ALA D 58 17.65 4.93 4.17
CA ALA D 58 16.67 4.00 3.64
C ALA D 58 17.40 2.89 2.91
N LYS D 59 18.57 3.21 2.35
CA LYS D 59 19.34 2.20 1.63
C LYS D 59 19.90 1.23 2.65
N ASP D 60 20.47 1.77 3.72
CA ASP D 60 21.00 0.96 4.78
C ASP D 60 19.91 0.03 5.31
N ASP D 61 18.73 0.58 5.59
CA ASP D 61 17.62 -0.23 6.11
C ASP D 61 17.31 -1.36 5.12
N TYR D 62 17.23 -1.01 3.85
CA TYR D 62 16.95 -2.00 2.80
C TYR D 62 18.03 -3.08 2.83
N ASP D 63 19.30 -2.67 2.93
CA ASP D 63 20.38 -3.64 2.98
C ASP D 63 20.20 -4.60 4.16
N ARG D 64 19.81 -4.09 5.33
CA ARG D 64 19.60 -4.96 6.48
C ARG D 64 18.41 -5.90 6.26
N ALA D 65 17.38 -5.43 5.55
CA ALA D 65 16.21 -6.28 5.30
C ALA D 65 16.60 -7.36 4.31
N VAL D 66 17.57 -7.03 3.45
CA VAL D 66 18.07 -7.95 2.45
C VAL D 66 18.87 -9.02 3.17
N LYS D 67 19.70 -8.59 4.11
CA LYS D 67 20.53 -9.49 4.90
C LYS D 67 19.67 -10.53 5.61
N GLU D 68 18.61 -10.03 6.27
CA GLU D 68 17.66 -10.86 7.01
C GLU D 68 16.82 -11.78 6.14
N PHE D 69 16.57 -11.36 4.89
CA PHE D 69 15.77 -12.17 3.99
C PHE D 69 16.56 -13.35 3.40
N GLU D 70 17.85 -13.11 3.17
CA GLU D 70 18.70 -14.12 2.57
C GLU D 70 19.14 -15.23 3.49
N ALA D 71 19.52 -14.87 4.72
CA ALA D 71 19.93 -15.89 5.67
C ALA D 71 18.82 -15.97 6.70
N ASN D 72 17.90 -16.90 6.46
CA ASN D 72 16.73 -17.15 7.30
C ASN D 72 15.67 -16.07 7.21
#